data_6Q48
#
_entry.id   6Q48
#
_cell.length_a   53.129
_cell.length_b   72.610
_cell.length_c   71.874
_cell.angle_alpha   90.00
_cell.angle_beta   90.00
_cell.angle_gamma   90.00
#
_symmetry.space_group_name_H-M   'P 21 21 21'
#
loop_
_entity.id
_entity.type
_entity.pdbx_description
1 polymer 'Cyclin-dependent kinase 2'
2 non-polymer 'DIMETHYL SULFOXIDE'
3 non-polymer 4-iodanyl-3~{H}-pyridin-2-one
4 water water
#
_entity_poly.entity_id   1
_entity_poly.type   'polypeptide(L)'
_entity_poly.pdbx_seq_one_letter_code
;GPLGSPEFMENFQKVEKIGEGTYGVVYKARNKLTGEVVALKKIRLDTETEGVPSTAIREISLLKELNHPNIVKLLDVIHT
ENKLYLVFEFLHQDLKKFMDASALTGIPLPLIKSYLFQLLQGLAFCHSHRVLHRDLKPQNLLINTEGAIKLADFGLARAF
GVPVRTYTHEVVTLWYRAPEILLGCKYYSTAVDIWSLGCIFAEMVTRRALFPGDSEIDQLFRIFRTLGTPDEVVWPGVTS
MPDYKPSFPKWARQDFSKVVPPLDEDGRSLLSQMLHYDPNKRISAKAALAHPFFQDVTKPVPHLRL
;
_entity_poly.pdbx_strand_id   A
#
loop_
_chem_comp.id
_chem_comp.type
_chem_comp.name
_chem_comp.formula
DMS non-polymer 'DIMETHYL SULFOXIDE' 'C2 H6 O S'
HHQ non-polymer 4-iodanyl-3~{H}-pyridin-2-one 'C5 H4 I N O'
#
# COMPACT_ATOMS: atom_id res chain seq x y z
N MET A 9 12.84 -27.45 -8.59
CA MET A 9 13.80 -26.30 -8.62
C MET A 9 15.14 -26.77 -8.04
N GLU A 10 16.23 -26.31 -8.65
CA GLU A 10 17.57 -26.77 -8.27
C GLU A 10 17.85 -26.49 -6.79
N ASN A 11 17.41 -25.33 -6.30
CA ASN A 11 17.87 -24.83 -4.99
C ASN A 11 16.75 -24.84 -3.94
N PHE A 12 15.60 -25.38 -4.27
CA PHE A 12 14.44 -25.44 -3.35
C PHE A 12 13.87 -26.86 -3.34
N GLN A 13 13.40 -27.31 -2.18
CA GLN A 13 12.41 -28.41 -1.98
C GLN A 13 10.99 -27.83 -1.78
N LYS A 14 9.94 -28.60 -2.06
CA LYS A 14 8.55 -28.41 -1.56
C LYS A 14 8.00 -27.03 -2.00
N VAL A 15 8.12 -26.68 -3.31
CA VAL A 15 7.69 -25.40 -3.95
C VAL A 15 6.18 -25.47 -4.23
N GLU A 16 5.41 -24.49 -3.75
CA GLU A 16 3.92 -24.47 -3.82
C GLU A 16 3.47 -23.10 -4.27
N LYS A 17 2.66 -23.02 -5.32
CA LYS A 17 2.04 -21.75 -5.73
C LYS A 17 1.12 -21.22 -4.62
N ILE A 18 1.32 -19.96 -4.23
CA ILE A 18 0.42 -19.14 -3.36
C ILE A 18 -0.57 -18.38 -4.25
N GLY A 19 -0.08 -17.77 -5.32
CA GLY A 19 -0.96 -17.01 -6.21
C GLY A 19 -0.20 -16.19 -7.21
N GLU A 20 -0.92 -15.32 -7.91
CA GLU A 20 -0.35 -14.42 -8.93
C GLU A 20 -0.01 -13.12 -8.21
N GLY A 21 1.26 -12.76 -8.26
CA GLY A 21 1.71 -11.46 -7.74
C GLY A 21 1.69 -10.37 -8.80
N THR A 22 2.16 -9.20 -8.43
CA THR A 22 2.23 -8.01 -9.31
C THR A 22 3.11 -8.33 -10.54
N TYR A 23 4.15 -9.16 -10.43
CA TYR A 23 5.19 -9.33 -11.48
C TYR A 23 5.27 -10.77 -11.96
N GLY A 24 4.57 -11.72 -11.34
CA GLY A 24 4.62 -13.13 -11.75
C GLY A 24 4.09 -13.97 -10.63
N VAL A 25 4.22 -15.27 -10.81
CA VAL A 25 3.73 -16.23 -9.79
C VAL A 25 4.53 -16.07 -8.47
N VAL A 26 3.85 -16.22 -7.34
CA VAL A 26 4.45 -16.26 -5.98
C VAL A 26 4.28 -17.65 -5.41
N TYR A 27 5.38 -18.16 -4.89
CA TYR A 27 5.46 -19.52 -4.34
C TYR A 27 5.84 -19.43 -2.88
N LYS A 28 5.34 -20.38 -2.09
CA LYS A 28 5.98 -20.75 -0.82
C LYS A 28 6.99 -21.84 -1.14
N ALA A 29 8.20 -21.69 -0.69
CA ALA A 29 9.26 -22.63 -1.09
C ALA A 29 10.15 -22.91 0.10
N ARG A 30 10.75 -24.08 0.12
CA ARG A 30 11.72 -24.49 1.14
C ARG A 30 13.12 -24.47 0.52
N ASN A 31 14.01 -23.68 1.09
CA ASN A 31 15.42 -23.65 0.64
C ASN A 31 16.02 -25.03 0.91
N LYS A 32 16.66 -25.60 -0.08
CA LYS A 32 17.17 -26.98 0.08
C LYS A 32 18.33 -27.00 1.08
N LEU A 33 19.18 -25.98 1.04
CA LEU A 33 20.42 -25.99 1.87
C LEU A 33 20.02 -25.85 3.34
N THR A 34 19.10 -24.93 3.63
CA THR A 34 18.89 -24.42 5.01
C THR A 34 17.58 -24.91 5.62
N GLY A 35 16.64 -25.38 4.80
CA GLY A 35 15.32 -25.85 5.25
C GLY A 35 14.32 -24.74 5.57
N GLU A 36 14.67 -23.49 5.35
CA GLU A 36 13.74 -22.38 5.69
C GLU A 36 12.68 -22.24 4.61
N VAL A 37 11.56 -21.77 5.09
N VAL A 37 11.43 -21.95 5.00
CA VAL A 37 10.38 -21.46 4.25
CA VAL A 37 10.39 -21.58 4.01
C VAL A 37 10.48 -20.00 3.82
C VAL A 37 10.46 -20.07 3.78
N VAL A 38 10.36 -19.71 2.52
CA VAL A 38 10.49 -18.34 1.96
C VAL A 38 9.35 -18.12 0.98
N ALA A 39 9.12 -16.85 0.68
CA ALA A 39 8.24 -16.42 -0.42
C ALA A 39 9.15 -16.21 -1.65
N LEU A 40 8.92 -16.95 -2.69
CA LEU A 40 9.69 -16.89 -3.92
C LEU A 40 8.82 -16.26 -4.97
N LYS A 41 9.25 -15.11 -5.48
CA LYS A 41 8.46 -14.33 -6.43
C LYS A 41 9.18 -14.40 -7.78
N LYS A 42 8.57 -15.08 -8.72
CA LYS A 42 9.12 -15.15 -10.07
C LYS A 42 8.78 -13.84 -10.78
N ILE A 43 9.73 -13.27 -11.47
CA ILE A 43 9.49 -12.03 -12.22
C ILE A 43 9.32 -12.44 -13.69
N ARG A 44 8.14 -12.22 -14.24
CA ARG A 44 7.80 -12.62 -15.64
C ARG A 44 8.58 -11.68 -16.56
N LEU A 45 9.40 -12.24 -17.46
CA LEU A 45 10.16 -11.46 -18.47
C LEU A 45 9.69 -11.83 -19.89
N SER A 54 19.05 -5.76 -17.00
CA SER A 54 20.35 -5.36 -16.43
C SER A 54 20.16 -4.26 -15.37
N THR A 55 19.47 -3.17 -15.68
CA THR A 55 19.29 -2.01 -14.74
C THR A 55 18.52 -2.40 -13.47
N ALA A 56 17.51 -3.23 -13.64
CA ALA A 56 16.61 -3.65 -12.53
C ALA A 56 17.38 -4.55 -11.54
N ILE A 57 18.27 -5.39 -12.04
CA ILE A 57 19.03 -6.30 -11.14
C ILE A 57 19.84 -5.53 -10.08
N ARG A 58 20.64 -4.53 -10.46
CA ARG A 58 21.46 -3.79 -9.45
C ARG A 58 20.57 -2.96 -8.51
N GLU A 59 19.51 -2.41 -9.06
CA GLU A 59 18.64 -1.53 -8.27
C GLU A 59 17.86 -2.35 -7.25
N ILE A 60 17.31 -3.48 -7.69
CA ILE A 60 16.61 -4.34 -6.72
C ILE A 60 17.59 -4.95 -5.74
N SER A 61 18.80 -5.25 -6.20
CA SER A 61 19.80 -5.84 -5.30
C SER A 61 20.11 -4.86 -4.17
N LEU A 62 20.02 -3.54 -4.41
CA LEU A 62 20.25 -2.52 -3.34
C LEU A 62 19.21 -2.70 -2.24
N LEU A 63 18.02 -3.16 -2.61
CA LEU A 63 16.92 -3.34 -1.63
C LEU A 63 17.23 -4.45 -0.64
N LYS A 64 18.18 -5.34 -0.95
CA LYS A 64 18.61 -6.37 0.03
C LYS A 64 19.22 -5.71 1.26
N GLU A 65 19.67 -4.47 1.15
CA GLU A 65 20.25 -3.66 2.27
C GLU A 65 19.19 -2.83 3.01
N LEU A 66 17.95 -2.77 2.53
CA LEU A 66 16.92 -1.83 3.08
C LEU A 66 16.11 -2.59 4.14
N ASN A 67 16.65 -2.72 5.38
CA ASN A 67 16.14 -3.58 6.50
C ASN A 67 15.47 -2.81 7.70
N HIS A 68 14.29 -3.23 8.14
CA HIS A 68 13.51 -2.54 9.21
C HIS A 68 12.48 -3.55 9.72
N PRO A 69 12.07 -3.47 10.99
CA PRO A 69 11.08 -4.42 11.50
C PRO A 69 9.74 -4.47 10.78
N ASN A 70 9.35 -3.38 10.12
CA ASN A 70 8.04 -3.30 9.44
C ASN A 70 8.24 -3.37 7.92
N ILE A 71 9.36 -3.90 7.44
CA ILE A 71 9.61 -4.15 6.02
C ILE A 71 9.93 -5.63 5.84
N VAL A 72 9.22 -6.28 4.93
CA VAL A 72 9.49 -7.70 4.59
C VAL A 72 10.89 -7.83 4.04
N LYS A 73 11.69 -8.65 4.68
CA LYS A 73 13.10 -8.76 4.29
C LYS A 73 13.24 -9.38 2.89
N LEU A 74 13.96 -8.69 2.02
CA LEU A 74 14.37 -9.24 0.72
C LEU A 74 15.68 -9.98 0.98
N LEU A 75 15.61 -11.30 0.96
CA LEU A 75 16.75 -12.17 1.28
C LEU A 75 17.71 -12.25 0.12
N ASP A 76 17.22 -12.42 -1.08
CA ASP A 76 18.09 -12.70 -2.22
C ASP A 76 17.42 -12.28 -3.51
N VAL A 77 18.26 -12.03 -4.47
CA VAL A 77 17.87 -11.82 -5.88
C VAL A 77 18.58 -12.95 -6.63
N ILE A 78 17.81 -13.83 -7.23
CA ILE A 78 18.34 -15.02 -7.95
C ILE A 78 18.17 -14.73 -9.42
N HIS A 79 19.27 -14.70 -10.12
CA HIS A 79 19.25 -14.53 -11.57
C HIS A 79 20.00 -15.72 -12.17
N THR A 80 19.27 -16.73 -12.54
CA THR A 80 19.87 -17.98 -13.09
C THR A 80 19.01 -18.48 -14.23
N GLU A 81 19.64 -19.15 -15.18
CA GLU A 81 18.94 -19.72 -16.35
C GLU A 81 18.13 -18.62 -17.06
N ASN A 82 18.61 -17.37 -17.03
CA ASN A 82 17.93 -16.23 -17.69
C ASN A 82 16.51 -16.04 -17.13
N LYS A 83 16.34 -16.44 -15.86
CA LYS A 83 15.12 -16.16 -15.10
C LYS A 83 15.49 -15.33 -13.88
N LEU A 84 14.49 -14.65 -13.35
CA LEU A 84 14.68 -13.76 -12.17
C LEU A 84 13.67 -14.10 -11.10
N TYR A 85 14.17 -14.24 -9.91
CA TYR A 85 13.33 -14.53 -8.73
C TYR A 85 13.81 -13.65 -7.62
N LEU A 86 12.83 -13.19 -6.85
CA LEU A 86 13.10 -12.49 -5.60
C LEU A 86 12.73 -13.43 -4.45
N VAL A 87 13.60 -13.48 -3.44
CA VAL A 87 13.37 -14.35 -2.29
C VAL A 87 13.12 -13.43 -1.09
N PHE A 88 11.95 -13.56 -0.52
CA PHE A 88 11.56 -12.78 0.64
C PHE A 88 11.34 -13.68 1.84
N GLU A 89 11.50 -13.15 3.04
CA GLU A 89 11.06 -13.91 4.23
C GLU A 89 9.56 -14.19 4.11
N PHE A 90 9.16 -15.33 4.63
CA PHE A 90 7.77 -15.77 4.62
C PHE A 90 7.10 -15.35 5.91
N LEU A 91 5.91 -14.78 5.77
CA LEU A 91 5.16 -14.38 6.98
C LEU A 91 3.87 -15.13 7.03
N HIS A 92 3.32 -15.16 8.23
CA HIS A 92 2.18 -16.05 8.53
C HIS A 92 0.99 -15.79 7.58
N GLN A 93 0.63 -14.53 7.34
CA GLN A 93 -0.67 -14.23 6.62
C GLN A 93 -0.62 -12.81 6.00
N ASP A 94 -1.37 -12.58 4.92
CA ASP A 94 -1.47 -11.21 4.34
C ASP A 94 -2.70 -10.51 4.91
N LEU A 95 -2.69 -9.17 4.86
CA LEU A 95 -3.79 -8.37 5.48
C LEU A 95 -5.11 -8.49 4.72
N LYS A 96 -5.05 -8.73 3.42
CA LYS A 96 -6.27 -8.91 2.64
C LYS A 96 -7.01 -10.13 3.22
N LYS A 97 -6.32 -11.25 3.42
CA LYS A 97 -6.96 -12.45 4.00
C LYS A 97 -7.41 -12.18 5.42
N PHE A 98 -6.57 -11.51 6.21
CA PHE A 98 -6.96 -11.24 7.61
C PHE A 98 -8.22 -10.38 7.65
N MET A 99 -8.26 -9.39 6.76
CA MET A 99 -9.43 -8.45 6.68
C MET A 99 -10.69 -9.25 6.34
N ASP A 100 -10.57 -10.19 5.38
CA ASP A 100 -11.70 -11.04 4.95
C ASP A 100 -12.14 -11.94 6.12
N ALA A 101 -11.19 -12.55 6.81
CA ALA A 101 -11.49 -13.48 7.94
C ALA A 101 -12.13 -12.70 9.11
N SER A 102 -11.79 -11.42 9.26
CA SER A 102 -12.25 -10.52 10.36
C SER A 102 -13.56 -9.80 10.01
N ALA A 103 -14.19 -10.04 8.86
CA ALA A 103 -15.27 -9.16 8.34
C ALA A 103 -16.50 -9.17 9.25
N LEU A 104 -16.82 -10.28 9.91
CA LEU A 104 -18.12 -10.41 10.63
C LEU A 104 -18.07 -9.60 11.92
N THR A 105 -16.90 -9.47 12.50
CA THR A 105 -16.64 -8.85 13.82
C THR A 105 -16.01 -7.48 13.58
N GLY A 106 -15.22 -7.34 12.51
CA GLY A 106 -14.29 -6.21 12.40
C GLY A 106 -12.98 -6.46 13.14
N ILE A 107 -11.92 -5.88 12.65
CA ILE A 107 -10.64 -5.81 13.40
C ILE A 107 -10.85 -4.85 14.57
N PRO A 108 -10.47 -5.25 15.80
CA PRO A 108 -10.61 -4.32 16.92
C PRO A 108 -9.81 -3.02 16.73
N LEU A 109 -10.33 -1.90 17.22
CA LEU A 109 -9.65 -0.61 17.02
C LEU A 109 -8.21 -0.61 17.53
N PRO A 110 -7.88 -1.20 18.71
CA PRO A 110 -6.50 -1.14 19.14
C PRO A 110 -5.54 -1.79 18.16
N LEU A 111 -6.01 -2.84 17.50
CA LEU A 111 -5.19 -3.57 16.51
C LEU A 111 -5.10 -2.76 15.22
N ILE A 112 -6.22 -2.12 14.81
CA ILE A 112 -6.14 -1.23 13.62
C ILE A 112 -5.06 -0.18 13.90
N LYS A 113 -5.14 0.44 15.07
CA LYS A 113 -4.24 1.53 15.43
C LYS A 113 -2.79 1.05 15.45
N SER A 114 -2.56 -0.11 16.04
CA SER A 114 -1.21 -0.70 16.06
C SER A 114 -0.68 -0.96 14.65
N TYR A 115 -1.50 -1.57 13.82
CA TYR A 115 -1.08 -1.87 12.45
C TYR A 115 -0.81 -0.57 11.70
N LEU A 116 -1.68 0.43 11.81
CA LEU A 116 -1.43 1.68 11.08
C LEU A 116 -0.12 2.32 11.56
N PHE A 117 0.10 2.33 12.87
CA PHE A 117 1.31 2.92 13.43
C PHE A 117 2.54 2.23 12.85
N GLN A 118 2.52 0.89 12.87
CA GLN A 118 3.67 0.13 12.35
C GLN A 118 3.86 0.35 10.86
N LEU A 119 2.77 0.39 10.11
CA LEU A 119 2.88 0.64 8.65
C LEU A 119 3.49 2.01 8.38
N LEU A 120 3.09 3.01 9.18
CA LEU A 120 3.67 4.36 9.05
C LEU A 120 5.14 4.34 9.39
N GLN A 121 5.54 3.52 10.37
CA GLN A 121 6.99 3.42 10.67
C GLN A 121 7.74 2.82 9.47
N GLY A 122 7.18 1.80 8.85
CA GLY A 122 7.80 1.21 7.66
C GLY A 122 7.89 2.24 6.52
N LEU A 123 6.79 2.97 6.26
CA LEU A 123 6.85 4.01 5.21
C LEU A 123 7.88 5.05 5.57
N ALA A 124 7.90 5.53 6.81
CA ALA A 124 8.82 6.59 7.17
C ALA A 124 10.25 6.12 6.91
N PHE A 125 10.55 4.87 7.26
CA PHE A 125 11.88 4.31 7.03
C PHE A 125 12.24 4.31 5.55
N CYS A 126 11.36 3.73 4.74
CA CYS A 126 11.67 3.62 3.31
C CYS A 126 11.79 5.00 2.68
N HIS A 127 10.83 5.87 3.01
CA HIS A 127 10.84 7.22 2.42
C HIS A 127 12.12 7.96 2.80
N SER A 128 12.61 7.79 4.03
CA SER A 128 13.85 8.48 4.50
C SER A 128 15.05 7.97 3.71
N HIS A 129 14.95 6.75 3.16
CA HIS A 129 16.00 6.14 2.31
C HIS A 129 15.69 6.30 0.83
N ARG A 130 14.76 7.20 0.51
CA ARG A 130 14.42 7.56 -0.87
C ARG A 130 13.94 6.34 -1.64
N VAL A 131 13.16 5.49 -1.00
CA VAL A 131 12.49 4.34 -1.65
C VAL A 131 10.98 4.48 -1.48
N LEU A 132 10.26 4.43 -2.59
CA LEU A 132 8.80 4.44 -2.58
C LEU A 132 8.26 3.04 -2.84
N HIS A 133 7.00 2.85 -2.53
CA HIS A 133 6.31 1.60 -2.92
C HIS A 133 5.63 1.80 -4.26
N ARG A 134 4.67 2.72 -4.26
CA ARG A 134 3.86 3.14 -5.44
C ARG A 134 2.68 2.18 -5.67
N ASP A 135 2.64 0.98 -5.09
CA ASP A 135 1.52 0.06 -5.32
C ASP A 135 1.11 -0.64 -4.04
N LEU A 136 0.95 0.10 -2.96
N LEU A 136 0.97 0.10 -2.97
CA LEU A 136 0.53 -0.55 -1.69
CA LEU A 136 0.57 -0.47 -1.68
C LEU A 136 -0.90 -1.00 -1.80
C LEU A 136 -0.88 -0.95 -1.73
N LYS A 137 -1.14 -2.14 -1.19
CA LYS A 137 -2.48 -2.69 -1.16
C LYS A 137 -2.45 -3.76 -0.09
N PRO A 138 -3.61 -4.16 0.43
CA PRO A 138 -3.61 -5.13 1.51
C PRO A 138 -2.84 -6.43 1.24
N GLN A 139 -2.79 -6.88 -0.02
CA GLN A 139 -2.05 -8.11 -0.37
C GLN A 139 -0.56 -8.00 -0.07
N ASN A 140 -0.01 -6.79 -0.09
CA ASN A 140 1.45 -6.58 0.14
C ASN A 140 1.73 -6.32 1.62
N LEU A 141 0.71 -6.36 2.48
CA LEU A 141 0.92 -6.13 3.92
C LEU A 141 0.82 -7.48 4.59
N LEU A 142 1.84 -7.87 5.33
CA LEU A 142 1.93 -9.24 5.89
C LEU A 142 1.97 -9.13 7.41
N ILE A 143 1.30 -10.08 8.07
CA ILE A 143 1.24 -10.11 9.54
C ILE A 143 1.86 -11.37 10.09
N ASN A 144 2.39 -11.25 11.30
CA ASN A 144 2.89 -12.44 12.04
C ASN A 144 1.86 -12.72 13.13
N THR A 145 2.17 -13.71 13.97
CA THR A 145 1.22 -14.20 14.97
C THR A 145 1.13 -13.32 16.19
N GLU A 146 2.13 -12.47 16.45
CA GLU A 146 2.18 -11.76 17.75
C GLU A 146 1.69 -10.31 17.66
N GLY A 147 1.46 -9.79 16.45
CA GLY A 147 1.03 -8.40 16.38
C GLY A 147 1.86 -7.57 15.45
N ALA A 148 2.91 -8.06 14.82
CA ALA A 148 3.65 -7.23 13.87
C ALA A 148 2.97 -7.24 12.52
N ILE A 149 3.21 -6.18 11.78
CA ILE A 149 2.81 -6.09 10.34
C ILE A 149 3.99 -5.47 9.58
N LYS A 150 4.15 -5.94 8.35
CA LYS A 150 5.29 -5.56 7.51
C LYS A 150 4.81 -5.28 6.09
N LEU A 151 5.49 -4.37 5.41
CA LEU A 151 5.19 -4.05 4.01
C LEU A 151 6.15 -4.80 3.10
N ALA A 152 5.59 -5.41 2.07
CA ALA A 152 6.41 -6.07 1.05
C ALA A 152 6.43 -5.27 -0.25
N ASP A 153 7.49 -5.43 -1.01
CA ASP A 153 7.60 -4.99 -2.43
C ASP A 153 7.95 -3.50 -2.55
N PHE A 154 8.45 -2.87 -1.51
CA PHE A 154 8.99 -1.50 -1.68
C PHE A 154 10.06 -1.55 -2.77
N GLY A 155 10.10 -0.48 -3.57
CA GLY A 155 11.19 -0.28 -4.55
C GLY A 155 10.99 -1.03 -5.85
N LEU A 156 10.10 -2.00 -5.91
CA LEU A 156 10.01 -2.82 -7.12
C LEU A 156 9.40 -2.07 -8.28
N ALA A 157 8.40 -1.27 -8.02
CA ALA A 157 7.74 -0.57 -9.14
C ALA A 157 8.73 0.37 -9.87
N ARG A 158 9.60 1.06 -9.17
CA ARG A 158 10.58 1.98 -9.83
C ARG A 158 11.52 1.11 -10.64
N ALA A 159 11.99 0.01 -10.06
CA ALA A 159 13.03 -0.82 -10.68
C ALA A 159 12.49 -1.49 -11.95
N PHE A 160 11.28 -2.03 -11.91
CA PHE A 160 10.70 -2.83 -13.01
C PHE A 160 9.84 -2.06 -14.00
N GLY A 161 9.07 -1.05 -13.56
CA GLY A 161 7.95 -0.46 -14.31
C GLY A 161 6.86 -1.49 -14.64
N GLU A 170 -5.84 -12.06 -14.78
CA GLU A 170 -6.52 -11.38 -13.64
C GLU A 170 -6.12 -9.90 -13.61
N VAL A 171 -6.99 -9.07 -13.04
CA VAL A 171 -7.08 -7.61 -13.29
C VAL A 171 -6.22 -6.88 -12.27
N VAL A 172 -5.70 -5.72 -12.65
CA VAL A 172 -4.97 -4.83 -11.71
C VAL A 172 -5.98 -4.22 -10.71
N THR A 173 -5.57 -4.10 -9.46
N THR A 173 -5.71 -4.16 -9.39
CA THR A 173 -6.36 -3.40 -8.43
CA THR A 173 -6.62 -3.44 -8.46
C THR A 173 -6.06 -1.91 -8.50
C THR A 173 -6.17 -1.98 -8.35
N LEU A 174 -7.09 -1.10 -8.68
CA LEU A 174 -6.91 0.38 -8.73
C LEU A 174 -7.34 1.04 -7.43
N TRP A 175 -7.87 0.27 -6.49
CA TRP A 175 -8.62 0.83 -5.37
C TRP A 175 -7.77 1.76 -4.50
N TYR A 176 -6.48 1.57 -4.49
CA TYR A 176 -5.56 2.25 -3.57
C TYR A 176 -4.72 3.30 -4.31
N ARG A 177 -5.00 3.53 -5.57
CA ARG A 177 -4.16 4.42 -6.38
C ARG A 177 -4.49 5.89 -6.08
N ALA A 178 -3.45 6.66 -5.89
CA ALA A 178 -3.61 8.10 -5.62
C ALA A 178 -4.12 8.84 -6.86
N PRO A 179 -4.88 9.94 -6.62
CA PRO A 179 -5.51 10.64 -7.76
C PRO A 179 -4.51 11.20 -8.77
N GLU A 180 -3.34 11.62 -8.33
CA GLU A 180 -2.34 12.13 -9.27
C GLU A 180 -1.95 11.05 -10.26
N ILE A 181 -1.89 9.80 -9.79
CA ILE A 181 -1.52 8.65 -10.68
C ILE A 181 -2.65 8.43 -11.69
N LEU A 182 -3.90 8.46 -11.21
CA LEU A 182 -5.08 8.28 -12.05
C LEU A 182 -5.22 9.43 -13.07
N LEU A 183 -4.75 10.63 -12.71
CA LEU A 183 -4.83 11.80 -13.63
C LEU A 183 -3.62 11.86 -14.55
N GLY A 184 -2.80 10.82 -14.58
CA GLY A 184 -1.75 10.67 -15.61
C GLY A 184 -0.47 11.39 -15.26
N CYS A 185 -0.29 11.84 -14.03
CA CYS A 185 1.01 12.41 -13.64
CA CYS A 185 0.99 12.42 -13.61
C CYS A 185 2.08 11.35 -13.73
N LYS A 186 3.18 11.73 -14.31
CA LYS A 186 4.32 10.85 -14.60
C LYS A 186 5.34 10.91 -13.45
N TYR A 187 5.09 11.73 -12.42
CA TYR A 187 6.07 12.01 -11.36
C TYR A 187 5.50 11.47 -10.05
N TYR A 188 6.11 10.43 -9.51
CA TYR A 188 5.66 9.89 -8.21
C TYR A 188 6.35 10.64 -7.08
N SER A 189 5.71 10.61 -5.94
CA SER A 189 6.27 11.14 -4.69
C SER A 189 5.87 10.23 -3.54
N THR A 190 6.45 10.47 -2.37
CA THR A 190 6.09 9.78 -1.13
C THR A 190 4.61 9.79 -0.88
N ALA A 191 3.94 10.87 -1.30
CA ALA A 191 2.51 11.04 -1.01
C ALA A 191 1.66 9.93 -1.60
N VAL A 192 2.12 9.27 -2.69
CA VAL A 192 1.28 8.21 -3.26
C VAL A 192 1.08 7.09 -2.22
N ASP A 193 2.12 6.81 -1.43
CA ASP A 193 2.03 5.72 -0.43
C ASP A 193 1.16 6.11 0.75
N ILE A 194 1.19 7.39 1.11
CA ILE A 194 0.31 7.85 2.19
C ILE A 194 -1.14 7.74 1.77
N TRP A 195 -1.47 8.10 0.52
CA TRP A 195 -2.83 7.92 0.00
C TRP A 195 -3.28 6.47 0.13
N SER A 196 -2.45 5.56 -0.39
CA SER A 196 -2.83 4.14 -0.37
C SER A 196 -3.05 3.68 1.06
N LEU A 197 -2.14 4.05 1.97
CA LEU A 197 -2.31 3.65 3.37
C LEU A 197 -3.57 4.24 3.97
N GLY A 198 -3.92 5.47 3.61
CA GLY A 198 -5.18 6.03 4.11
C GLY A 198 -6.38 5.21 3.66
N CYS A 199 -6.38 4.79 2.41
CA CYS A 199 -7.45 3.96 1.90
C CYS A 199 -7.52 2.63 2.68
N ILE A 200 -6.37 2.06 3.00
CA ILE A 200 -6.34 0.78 3.75
C ILE A 200 -6.84 1.02 5.18
N PHE A 201 -6.45 2.11 5.83
CA PHE A 201 -6.95 2.47 7.15
C PHE A 201 -8.48 2.49 7.13
N ALA A 202 -9.03 3.24 6.17
CA ALA A 202 -10.50 3.33 6.11
C ALA A 202 -11.16 1.98 5.96
N GLU A 203 -10.55 1.12 5.15
CA GLU A 203 -11.12 -0.23 4.90
C GLU A 203 -11.04 -1.10 6.17
N MET A 204 -9.97 -0.98 6.95
CA MET A 204 -9.92 -1.71 8.23
C MET A 204 -11.07 -1.28 9.11
N VAL A 205 -11.31 0.03 9.19
CA VAL A 205 -12.33 0.57 10.11
C VAL A 205 -13.73 0.19 9.65
N THR A 206 -14.05 0.34 8.39
CA THR A 206 -15.45 0.20 7.94
C THR A 206 -15.76 -1.21 7.44
N ARG A 207 -14.74 -2.00 7.19
CA ARG A 207 -14.86 -3.39 6.67
C ARG A 207 -15.33 -3.37 5.23
N ARG A 208 -15.17 -2.24 4.53
CA ARG A 208 -15.49 -2.10 3.12
C ARG A 208 -14.40 -1.25 2.46
N ALA A 209 -14.00 -1.59 1.25
CA ALA A 209 -13.05 -0.76 0.51
C ALA A 209 -13.62 0.66 0.43
N LEU A 210 -12.75 1.65 0.53
CA LEU A 210 -13.17 3.06 0.48
C LEU A 210 -13.57 3.45 -0.95
N PHE A 211 -12.75 3.13 -1.93
CA PHE A 211 -12.95 3.51 -3.35
C PHE A 211 -12.77 2.31 -4.25
N PRO A 212 -13.74 1.37 -4.31
CA PRO A 212 -13.57 0.14 -5.09
C PRO A 212 -13.91 0.33 -6.56
N GLY A 213 -13.08 1.08 -7.27
CA GLY A 213 -13.28 1.29 -8.73
C GLY A 213 -12.93 0.03 -9.54
N ASP A 214 -13.51 -0.08 -10.73
CA ASP A 214 -13.16 -1.24 -11.61
C ASP A 214 -12.57 -0.74 -12.92
N SER A 215 -12.36 0.56 -13.02
CA SER A 215 -11.65 1.15 -14.17
C SER A 215 -11.07 2.45 -13.65
N GLU A 216 -10.13 3.01 -14.39
CA GLU A 216 -9.52 4.29 -13.95
C GLU A 216 -10.59 5.37 -13.80
N ILE A 217 -11.54 5.47 -14.73
CA ILE A 217 -12.49 6.60 -14.58
C ILE A 217 -13.49 6.34 -13.45
N ASP A 218 -13.90 5.10 -13.23
CA ASP A 218 -14.78 4.76 -12.11
C ASP A 218 -14.03 5.01 -10.78
N GLN A 219 -12.73 4.68 -10.74
CA GLN A 219 -11.91 4.95 -9.54
C GLN A 219 -11.89 6.45 -9.26
N LEU A 220 -11.65 7.23 -10.32
N LEU A 220 -11.65 7.23 -10.32
CA LEU A 220 -11.55 8.71 -10.22
CA LEU A 220 -11.55 8.71 -10.22
C LEU A 220 -12.87 9.32 -9.73
C LEU A 220 -12.87 9.32 -9.73
N PHE A 221 -13.99 8.90 -10.31
CA PHE A 221 -15.31 9.45 -9.97
C PHE A 221 -15.72 8.96 -8.57
N ARG A 222 -15.25 7.79 -8.16
CA ARG A 222 -15.54 7.24 -6.80
C ARG A 222 -14.86 8.16 -5.78
N ILE A 223 -13.65 8.65 -6.11
CA ILE A 223 -12.91 9.58 -5.21
C ILE A 223 -13.64 10.93 -5.25
N PHE A 224 -13.98 11.40 -6.44
CA PHE A 224 -14.60 12.72 -6.56
C PHE A 224 -15.94 12.79 -5.86
N ARG A 225 -16.74 11.72 -5.94
CA ARG A 225 -18.07 11.75 -5.28
C ARG A 225 -17.92 11.83 -3.76
N THR A 226 -16.85 11.27 -3.21
CA THR A 226 -16.66 11.25 -1.77
C THR A 226 -16.00 12.56 -1.30
N LEU A 227 -14.94 13.00 -1.96
CA LEU A 227 -14.08 14.12 -1.53
C LEU A 227 -14.41 15.41 -2.26
N GLY A 228 -15.31 15.34 -3.23
CA GLY A 228 -15.55 16.48 -4.12
C GLY A 228 -14.65 16.45 -5.31
N THR A 229 -15.09 16.99 -6.44
CA THR A 229 -14.20 17.05 -7.62
C THR A 229 -13.13 18.07 -7.27
N PRO A 230 -11.85 17.76 -7.48
CA PRO A 230 -10.78 18.68 -7.14
C PRO A 230 -10.81 19.89 -8.08
N ASP A 231 -10.25 20.95 -7.58
CA ASP A 231 -10.15 22.21 -8.31
C ASP A 231 -8.83 22.87 -7.98
N GLU A 232 -8.57 24.03 -8.62
CA GLU A 232 -7.30 24.75 -8.44
C GLU A 232 -7.16 25.32 -7.03
N VAL A 233 -8.26 25.51 -6.31
CA VAL A 233 -8.17 25.99 -4.91
C VAL A 233 -7.52 24.95 -4.01
N VAL A 234 -8.04 23.74 -4.06
CA VAL A 234 -7.54 22.66 -3.16
C VAL A 234 -6.29 22.03 -3.74
N TRP A 235 -6.09 22.12 -5.05
CA TRP A 235 -5.01 21.36 -5.70
C TRP A 235 -4.48 22.20 -6.85
N PRO A 236 -3.59 23.17 -6.54
CA PRO A 236 -3.00 23.97 -7.62
C PRO A 236 -2.30 23.07 -8.64
N GLY A 237 -2.60 23.30 -9.90
CA GLY A 237 -2.05 22.51 -11.00
C GLY A 237 -2.97 21.39 -11.43
N VAL A 238 -4.03 21.07 -10.70
CA VAL A 238 -4.81 19.86 -11.04
C VAL A 238 -5.34 19.96 -12.46
N THR A 239 -5.76 21.15 -12.88
CA THR A 239 -6.47 21.28 -14.16
C THR A 239 -5.51 21.17 -15.35
N SER A 240 -4.21 21.15 -15.10
N SER A 240 -4.22 21.09 -15.11
CA SER A 240 -3.17 21.04 -16.15
CA SER A 240 -3.23 20.79 -16.18
C SER A 240 -2.56 19.64 -16.17
C SER A 240 -2.60 19.42 -15.99
N MET A 241 -3.13 18.70 -15.40
N MET A 241 -3.13 18.56 -15.12
CA MET A 241 -2.53 17.34 -15.34
CA MET A 241 -2.69 17.13 -15.10
C MET A 241 -2.96 16.55 -16.56
C MET A 241 -2.96 16.53 -16.49
N PRO A 242 -2.13 15.56 -16.98
CA PRO A 242 -2.27 15.05 -18.34
C PRO A 242 -3.68 14.57 -18.68
N ASP A 243 -4.35 13.88 -17.75
CA ASP A 243 -5.63 13.23 -18.07
C ASP A 243 -6.79 13.99 -17.45
N TYR A 244 -6.55 15.19 -16.92
CA TYR A 244 -7.66 16.03 -16.43
C TYR A 244 -8.52 16.49 -17.62
N LYS A 245 -9.80 16.44 -17.43
CA LYS A 245 -10.74 16.99 -18.45
CA LYS A 245 -10.84 16.88 -18.39
C LYS A 245 -11.68 17.98 -17.76
N PRO A 246 -11.80 19.18 -18.36
CA PRO A 246 -12.74 20.16 -17.87
C PRO A 246 -14.20 19.69 -17.81
N SER A 247 -14.54 18.67 -18.57
CA SER A 247 -15.87 18.08 -18.57
C SER A 247 -16.13 17.11 -17.41
N PHE A 248 -15.18 16.89 -16.53
CA PHE A 248 -15.49 16.03 -15.36
C PHE A 248 -16.69 16.60 -14.63
N PRO A 249 -17.63 15.77 -14.18
CA PRO A 249 -18.67 16.29 -13.32
C PRO A 249 -18.11 16.95 -12.04
N LYS A 250 -18.81 17.96 -11.55
CA LYS A 250 -18.40 18.69 -10.33
C LYS A 250 -19.27 18.22 -9.16
N TRP A 251 -18.76 17.27 -8.40
CA TRP A 251 -19.42 16.84 -7.15
C TRP A 251 -18.95 17.75 -6.01
N ALA A 252 -19.87 18.11 -5.10
CA ALA A 252 -19.54 18.75 -3.79
C ALA A 252 -18.83 17.71 -2.91
N ARG A 253 -18.11 18.17 -1.88
CA ARG A 253 -17.36 17.23 -0.99
C ARG A 253 -18.23 16.79 0.21
N GLN A 254 -18.22 15.50 0.52
CA GLN A 254 -18.96 14.90 1.69
C GLN A 254 -18.11 15.04 2.98
N ASP A 255 -18.54 14.52 4.15
CA ASP A 255 -17.75 14.57 5.43
C ASP A 255 -17.19 13.21 5.81
N PHE A 256 -15.93 13.15 6.28
CA PHE A 256 -15.37 11.84 6.72
C PHE A 256 -16.34 11.23 7.73
N SER A 257 -17.12 12.05 8.41
CA SER A 257 -17.99 11.59 9.49
C SER A 257 -19.02 10.62 8.92
N LYS A 258 -19.53 10.77 7.69
CA LYS A 258 -20.42 9.75 7.09
C LYS A 258 -19.66 8.55 6.50
N VAL A 259 -18.41 8.81 6.16
CA VAL A 259 -17.59 7.86 5.38
C VAL A 259 -16.98 6.79 6.29
N VAL A 260 -16.37 7.15 7.41
CA VAL A 260 -15.71 6.14 8.27
C VAL A 260 -16.26 6.08 9.68
N PRO A 261 -17.59 6.15 9.90
CA PRO A 261 -18.06 5.96 11.27
C PRO A 261 -17.74 4.52 11.67
N PRO A 262 -17.46 4.20 12.96
CA PRO A 262 -17.50 5.12 14.09
C PRO A 262 -16.13 5.68 14.51
N LEU A 263 -15.24 5.87 13.56
CA LEU A 263 -13.91 6.38 13.88
C LEU A 263 -14.01 7.75 14.56
N ASP A 264 -13.23 7.95 15.60
CA ASP A 264 -13.25 9.17 16.41
C ASP A 264 -12.60 10.33 15.66
N GLU A 265 -12.70 11.52 16.24
CA GLU A 265 -12.23 12.73 15.54
C GLU A 265 -10.73 12.68 15.30
N ASP A 266 -9.98 12.07 16.21
CA ASP A 266 -8.54 11.98 15.95
C ASP A 266 -8.28 11.11 14.73
N GLY A 267 -8.96 9.97 14.64
CA GLY A 267 -8.77 9.10 13.48
C GLY A 267 -9.22 9.77 12.20
N ARG A 268 -10.35 10.48 12.26
CA ARG A 268 -10.85 11.16 11.06
C ARG A 268 -9.91 12.29 10.65
N SER A 269 -9.36 13.00 11.62
CA SER A 269 -8.37 14.08 11.33
C SER A 269 -7.19 13.49 10.60
N LEU A 270 -6.65 12.41 11.14
CA LEU A 270 -5.48 11.78 10.48
C LEU A 270 -5.85 11.31 9.08
N LEU A 271 -6.94 10.58 8.95
CA LEU A 271 -7.35 10.07 7.65
C LEU A 271 -7.51 11.20 6.66
N SER A 272 -8.20 12.27 7.08
N SER A 272 -8.19 12.28 7.06
CA SER A 272 -8.43 13.44 6.21
CA SER A 272 -8.42 13.40 6.13
C SER A 272 -7.09 13.99 5.68
C SER A 272 -7.08 14.00 5.66
N GLN A 273 -6.08 14.04 6.53
CA GLN A 273 -4.77 14.54 6.14
C GLN A 273 -4.01 13.59 5.21
N MET A 274 -4.29 12.29 5.32
CA MET A 274 -3.72 11.29 4.42
C MET A 274 -4.36 11.32 3.03
N LEU A 275 -5.57 11.90 2.94
CA LEU A 275 -6.37 11.86 1.71
C LEU A 275 -6.55 13.28 1.14
N HIS A 276 -5.73 14.23 1.52
CA HIS A 276 -5.76 15.53 0.79
C HIS A 276 -5.48 15.27 -0.69
N TYR A 277 -6.14 16.03 -1.54
CA TYR A 277 -5.93 15.87 -2.98
C TYR A 277 -4.51 16.21 -3.38
N ASP A 278 -4.05 17.42 -3.00
CA ASP A 278 -2.71 17.86 -3.42
C ASP A 278 -1.68 16.98 -2.71
N PRO A 279 -0.83 16.23 -3.45
CA PRO A 279 0.16 15.37 -2.78
C PRO A 279 1.00 16.18 -1.82
N ASN A 280 1.28 17.45 -2.17
CA ASN A 280 2.15 18.28 -1.33
C ASN A 280 1.51 18.61 0.02
N LYS A 281 0.19 18.52 0.11
N LYS A 281 0.18 18.53 0.11
CA LYS A 281 -0.50 18.84 1.38
CA LYS A 281 -0.55 18.84 1.35
C LYS A 281 -0.73 17.60 2.23
C LYS A 281 -0.86 17.59 2.17
N ARG A 282 -0.51 16.42 1.63
CA ARG A 282 -0.73 15.11 2.32
C ARG A 282 0.29 14.98 3.47
N ILE A 283 -0.18 14.55 4.65
CA ILE A 283 0.69 14.37 5.80
C ILE A 283 1.80 13.37 5.43
N SER A 284 3.00 13.59 5.95
CA SER A 284 4.11 12.65 5.79
C SER A 284 3.95 11.50 6.77
N ALA A 285 4.64 10.39 6.50
CA ALA A 285 4.61 9.28 7.44
C ALA A 285 5.17 9.72 8.79
N LYS A 286 6.29 10.44 8.76
CA LYS A 286 6.93 10.84 10.01
C LYS A 286 5.97 11.73 10.82
N ALA A 287 5.33 12.71 10.18
CA ALA A 287 4.37 13.58 10.91
C ALA A 287 3.17 12.80 11.40
N ALA A 288 2.70 11.84 10.61
CA ALA A 288 1.55 11.04 11.02
C ALA A 288 1.83 10.28 12.32
N LEU A 289 3.08 9.82 12.50
CA LEU A 289 3.42 9.06 13.71
C LEU A 289 3.23 9.91 14.97
N ALA A 290 3.33 11.22 14.86
CA ALA A 290 3.17 12.17 15.98
C ALA A 290 1.70 12.55 16.19
N HIS A 291 0.79 12.08 15.35
CA HIS A 291 -0.61 12.54 15.43
C HIS A 291 -1.21 12.08 16.74
N PRO A 292 -2.12 12.86 17.35
CA PRO A 292 -2.75 12.46 18.60
C PRO A 292 -3.51 11.13 18.53
N PHE A 293 -3.92 10.69 17.35
CA PHE A 293 -4.56 9.35 17.20
C PHE A 293 -3.71 8.27 17.87
N PHE A 294 -2.38 8.43 17.84
CA PHE A 294 -1.47 7.38 18.34
C PHE A 294 -1.02 7.59 19.77
N GLN A 295 -1.63 8.53 20.48
CA GLN A 295 -1.23 8.73 21.88
C GLN A 295 -1.37 7.47 22.69
N ASP A 296 -2.43 6.71 22.44
CA ASP A 296 -2.71 5.50 23.25
C ASP A 296 -2.39 4.22 22.47
N VAL A 297 -1.48 4.28 21.52
CA VAL A 297 -1.18 3.06 20.73
C VAL A 297 -0.53 1.99 21.61
N THR A 298 -0.86 0.75 21.32
CA THR A 298 -0.34 -0.45 21.95
C THR A 298 -0.08 -1.47 20.85
N LYS A 299 0.41 -2.65 21.23
CA LYS A 299 0.72 -3.72 20.26
C LYS A 299 -0.03 -4.99 20.68
N PRO A 300 -1.32 -5.11 20.35
CA PRO A 300 -2.08 -6.30 20.72
C PRO A 300 -1.73 -7.51 19.86
N VAL A 301 -2.13 -8.66 20.38
CA VAL A 301 -2.03 -9.96 19.65
C VAL A 301 -3.25 -10.16 18.77
N PRO A 302 -3.12 -10.45 17.48
CA PRO A 302 -4.27 -10.65 16.60
C PRO A 302 -4.96 -11.98 16.90
N HIS A 303 -6.25 -11.98 16.59
CA HIS A 303 -7.10 -13.19 16.55
C HIS A 303 -7.00 -13.74 15.13
N LEU A 304 -6.07 -14.67 14.89
CA LEU A 304 -5.96 -15.40 13.59
C LEU A 304 -7.04 -16.49 13.51
S DMS B . 5.33 -16.23 14.03
O DMS B . 4.54 -15.38 13.22
C1 DMS B . 6.77 -16.77 13.18
C2 DMS B . 6.19 -15.21 15.18
C4 HHQ C . 1.33 -14.62 1.71
C5 HHQ C . 1.68 -15.06 2.95
N1 HHQ C . 2.96 -14.97 3.37
C3 HHQ C . 2.30 -13.98 0.92
O1 HHQ C . 5.03 -14.25 3.14
C1 HHQ C . 3.95 -14.37 2.65
C2 HHQ C . 3.60 -13.91 1.35
I1 HHQ C . 1.80 -13.22 -0.96
#